data_2YF9
#
_entry.id   2YF9
#
_cell.length_a   62.925
_cell.length_b   62.925
_cell.length_c   167.578
_cell.angle_alpha   90.00
_cell.angle_beta   90.00
_cell.angle_gamma   120.00
#
_symmetry.space_group_name_H-M   'P 61 2 2'
#
loop_
_entity.id
_entity.type
_entity.pdbx_description
1 polymer 'MAZG-LIKE NUCLEOSIDE TRIPHOSPHATE PYROPHOSPHOHYDROLASE'
2 non-polymer 'CHLORIDE ION'
3 water water
#
_entity_poly.entity_id   1
_entity_poly.type   'polypeptide(L)'
_entity_poly.pdbx_seq_one_letter_code
;GIDPFTMSDLPCPPTNAERLHEFHRAIGAATPERPTPPPPELLRLRQTLLDEESAEVRAEIDHLLARQAAGEALSAGDLA
PLAHELADLLYVTYGALDQLGIDADAVFAEVHRANLSKASGPRRADGKQLKPEGWRPADVRGVIERLQHAPADD
;
_entity_poly.pdbx_strand_id   A
#
# COMPACT_ATOMS: atom_id res chain seq x y z
N ILE A 2 -14.40 -7.27 -0.17
CA ILE A 2 -14.15 -6.88 1.20
C ILE A 2 -13.24 -5.65 1.26
N ASP A 3 -13.01 -5.14 2.44
CA ASP A 3 -12.27 -3.91 2.62
C ASP A 3 -11.74 -3.91 4.04
N PRO A 4 -10.93 -2.93 4.39
CA PRO A 4 -10.29 -2.91 5.70
C PRO A 4 -11.26 -3.05 6.88
N PHE A 5 -12.50 -2.74 6.64
CA PHE A 5 -13.54 -2.83 7.65
C PHE A 5 -14.11 -4.24 7.81
N THR A 6 -13.77 -5.09 6.97
CA THR A 6 -14.23 -6.47 6.91
C THR A 6 -13.47 -7.41 7.81
N PRO A 13 13.72 12.17 10.73
CA PRO A 13 13.87 10.85 10.11
C PRO A 13 13.06 10.73 8.83
N PRO A 14 13.67 10.20 7.77
CA PRO A 14 13.00 10.07 6.47
C PRO A 14 11.84 9.11 6.53
N THR A 15 10.83 9.36 5.73
CA THR A 15 9.70 8.46 5.68
C THR A 15 10.04 7.37 4.67
N ASN A 16 9.25 6.30 4.66
CA ASN A 16 9.48 5.22 3.70
C ASN A 16 9.35 5.67 2.25
N ALA A 17 8.47 6.63 2.00
CA ALA A 17 8.31 7.17 0.66
C ALA A 17 9.59 7.87 0.22
N GLU A 18 10.21 8.58 1.15
CA GLU A 18 11.46 9.27 0.88
C GLU A 18 12.63 8.29 0.66
N ARG A 19 12.58 7.15 1.35
CA ARG A 19 13.56 6.10 1.11
C ARG A 19 13.52 5.60 -0.34
N LEU A 20 12.32 5.48 -0.91
CA LEU A 20 12.19 5.03 -2.30
C LEU A 20 12.77 6.03 -3.30
N HIS A 21 12.69 7.31 -2.95
CA HIS A 21 13.30 8.33 -3.79
C HIS A 21 14.84 8.16 -3.79
N GLU A 22 15.41 7.94 -2.61
CA GLU A 22 16.84 7.62 -2.46
C GLU A 22 17.22 6.38 -3.28
N PHE A 23 16.39 5.34 -3.20
CA PHE A 23 16.63 4.10 -3.94
C PHE A 23 16.63 4.35 -5.45
N HIS A 24 15.64 5.09 -5.94
CA HIS A 24 15.55 5.32 -7.37
C HIS A 24 16.69 6.18 -7.92
N ARG A 25 17.15 7.11 -7.10
CA ARG A 25 18.36 7.87 -7.43
C ARG A 25 19.54 6.90 -7.62
N ALA A 26 19.66 5.93 -6.74
CA ALA A 26 20.70 4.94 -6.79
C ALA A 26 20.68 3.99 -7.97
N ILE A 27 19.53 3.70 -8.52
CA ILE A 27 19.49 2.78 -9.63
C ILE A 27 19.29 3.50 -10.94
N GLY A 28 19.30 4.81 -10.90
CA GLY A 28 19.15 5.61 -12.09
C GLY A 28 17.72 5.77 -12.52
N ALA A 29 16.77 5.54 -11.62
CA ALA A 29 15.39 5.47 -12.05
C ALA A 29 14.64 6.78 -12.06
N THR A 31 13.93 10.32 -10.18
CA THR A 31 12.52 10.38 -10.50
C THR A 31 11.89 11.77 -10.29
N PRO A 32 10.80 12.01 -10.99
CA PRO A 32 10.15 13.32 -11.04
C PRO A 32 9.75 13.86 -9.69
N GLU A 33 9.69 15.19 -9.57
CA GLU A 33 9.28 15.86 -8.33
C GLU A 33 7.78 16.16 -8.33
N ARG A 34 7.20 16.18 -9.53
CA ARG A 34 5.76 16.44 -9.70
C ARG A 34 5.14 15.24 -10.38
N PRO A 35 3.81 15.04 -10.20
CA PRO A 35 3.17 13.89 -10.85
C PRO A 35 3.43 13.85 -12.35
N THR A 36 3.87 12.69 -12.83
CA THR A 36 4.34 12.53 -14.20
C THR A 36 4.07 11.10 -14.67
N PRO A 37 3.37 10.95 -15.75
CA PRO A 37 3.15 9.63 -16.31
C PRO A 37 4.47 8.97 -16.73
N PRO A 38 4.60 7.69 -16.50
CA PRO A 38 5.77 6.93 -16.88
C PRO A 38 5.62 6.35 -18.26
N PRO A 39 6.71 5.89 -18.82
CA PRO A 39 6.63 5.20 -20.09
C PRO A 39 5.85 3.92 -19.94
N PRO A 40 5.11 3.55 -20.96
CA PRO A 40 4.36 2.32 -20.97
C PRO A 40 5.15 1.10 -20.51
N GLU A 41 6.39 0.98 -20.96
CA GLU A 41 7.15 -0.22 -20.66
C GLU A 41 7.46 -0.34 -19.17
N LEU A 42 7.65 0.80 -18.56
CA LEU A 42 7.83 0.90 -17.15
C LEU A 42 6.56 0.62 -16.29
N LEU A 43 5.41 1.07 -16.74
CA LEU A 43 4.16 0.69 -16.14
C LEU A 43 3.97 -0.79 -16.21
N ARG A 44 4.20 -1.36 -17.39
N ARG A 44 4.21 -1.37 -17.38
CA ARG A 44 4.09 -2.77 -17.56
CA ARG A 44 4.05 -2.82 -17.54
C ARG A 44 4.95 -3.54 -16.55
C ARG A 44 4.95 -3.58 -16.55
N LEU A 45 6.17 -3.12 -16.40
CA LEU A 45 7.06 -3.74 -15.46
C LEU A 45 6.55 -3.62 -14.03
N ARG A 46 6.15 -2.43 -13.65
CA ARG A 46 5.63 -2.20 -12.31
C ARG A 46 4.44 -3.11 -12.03
N GLN A 47 3.61 -3.30 -13.05
CA GLN A 47 2.42 -4.14 -12.93
C GLN A 47 2.85 -5.57 -12.65
N THR A 48 3.89 -6.03 -13.31
CA THR A 48 4.39 -7.36 -13.12
C THR A 48 5.03 -7.55 -11.74
N LEU A 49 5.66 -6.76 -11.39
CA LEU A 49 6.31 -6.77 -10.12
C LEU A 49 5.31 -6.67 -8.95
N LEU A 50 4.36 -5.85 -9.01
CA LEU A 50 3.31 -5.85 -8.00
C LEU A 50 2.62 -7.20 -7.97
N ASP A 51 2.36 -7.73 -9.14
CA ASP A 51 1.74 -9.04 -9.31
C ASP A 51 2.54 -10.12 -8.57
N GLU A 52 3.84 -10.14 -8.83
CA GLU A 52 4.74 -11.14 -8.25
C GLU A 52 4.88 -11.02 -6.74
N GLU A 53 5.07 -9.79 -6.25
N GLU A 53 5.05 -9.79 -6.23
CA GLU A 53 5.28 -9.56 -4.82
CA GLU A 53 5.21 -9.63 -4.81
C GLU A 53 4.01 -9.87 -4.01
C GLU A 53 3.94 -10.03 -4.07
N SER A 54 2.84 -9.58 -4.59
N SER A 54 2.81 -9.53 -4.56
CA SER A 54 1.59 -9.90 -3.90
CA SER A 54 1.52 -9.91 -3.99
C SER A 54 1.38 -11.41 -3.88
C SER A 54 1.44 -11.41 -3.88
N ALA A 55 1.80 -12.09 -4.95
CA ALA A 55 1.77 -13.55 -4.98
C ALA A 55 2.66 -14.17 -3.90
N GLU A 56 3.86 -13.64 -3.72
CA GLU A 56 4.77 -14.13 -2.67
C GLU A 56 4.18 -13.91 -1.26
N VAL A 57 3.60 -12.73 -1.02
CA VAL A 57 2.96 -12.49 0.26
C VAL A 57 1.87 -13.52 0.50
N ARG A 58 1.02 -13.74 -0.51
CA ARG A 58 -0.09 -14.65 -0.35
C ARG A 58 0.38 -16.10 -0.11
N ALA A 59 1.48 -16.48 -0.76
CA ALA A 59 2.10 -17.79 -0.51
C ALA A 59 2.61 -17.93 0.93
N GLU A 60 3.21 -16.87 1.49
CA GLU A 60 3.69 -16.95 2.88
C GLU A 60 2.51 -17.04 3.85
N ILE A 61 1.42 -16.37 3.52
CA ILE A 61 0.21 -16.52 4.35
C ILE A 61 -0.28 -17.97 4.31
N ASP A 62 -0.32 -18.56 3.13
CA ASP A 62 -0.68 -19.97 2.99
C ASP A 62 0.13 -20.89 3.92
N HIS A 63 1.46 -20.71 3.94
CA HIS A 63 2.31 -21.52 4.83
C HIS A 63 1.94 -21.35 6.30
N LEU A 64 1.70 -20.12 6.74
CA LEU A 64 1.35 -19.88 8.14
C LEU A 64 -0.01 -20.50 8.45
N LEU A 65 -0.94 -20.38 7.51
CA LEU A 65 -2.28 -20.95 7.68
C LEU A 65 -2.22 -22.47 7.82
N ALA A 66 -1.36 -23.11 7.02
CA ALA A 66 -1.19 -24.55 7.11
C ALA A 66 -0.62 -24.97 8.47
N ARG A 67 0.35 -24.22 8.98
CA ARG A 67 0.92 -24.50 10.30
C ARG A 67 -0.08 -24.28 11.43
N GLN A 68 -0.86 -23.21 11.34
CA GLN A 68 -1.92 -22.99 12.33
C GLN A 68 -2.97 -24.10 12.28
N ALA A 69 -3.33 -24.52 11.08
CA ALA A 69 -4.31 -25.58 10.92
C ALA A 69 -3.82 -26.89 11.56
N ALA A 70 -2.51 -27.11 11.52
CA ALA A 70 -1.91 -28.31 12.13
C ALA A 70 -1.84 -28.21 13.64
N GLY A 71 -2.18 -27.05 14.18
CA GLY A 71 -2.26 -26.85 15.62
C GLY A 71 -1.13 -26.04 16.22
N GLU A 72 -0.20 -25.55 15.40
CA GLU A 72 0.91 -24.75 15.93
C GLU A 72 0.52 -23.40 16.46
N ALA A 73 1.16 -23.01 17.57
CA ALA A 73 1.13 -21.63 18.04
C ALA A 73 2.41 -20.95 17.56
N LEU A 74 2.29 -20.16 16.51
CA LEU A 74 3.45 -19.55 15.86
C LEU A 74 4.23 -18.62 16.80
N SER A 75 5.56 -18.64 16.70
CA SER A 75 6.40 -17.72 17.47
C SER A 75 6.59 -16.44 16.69
N ALA A 76 7.17 -15.43 17.33
CA ALA A 76 7.44 -14.16 16.66
C ALA A 76 8.36 -14.39 15.45
N GLY A 77 9.40 -15.19 15.65
CA GLY A 77 10.33 -15.50 14.58
C GLY A 77 9.66 -16.12 13.35
N ASP A 78 8.65 -16.95 13.58
CA ASP A 78 7.93 -17.62 12.49
C ASP A 78 7.27 -16.61 11.56
N LEU A 79 7.06 -15.40 12.05
CA LEU A 79 6.40 -14.36 11.27
C LEU A 79 7.36 -13.59 10.36
N ALA A 80 8.65 -13.88 10.45
CA ALA A 80 9.64 -13.09 9.72
C ALA A 80 9.49 -13.15 8.21
N PRO A 81 9.32 -14.36 7.64
CA PRO A 81 9.21 -14.39 6.18
C PRO A 81 8.00 -13.57 5.67
N LEU A 82 6.87 -13.69 6.36
CA LEU A 82 5.70 -12.90 5.98
C LEU A 82 5.98 -11.41 6.11
N ALA A 83 6.58 -11.02 7.24
CA ALA A 83 6.90 -9.61 7.47
C ALA A 83 7.84 -9.11 6.38
N HIS A 84 8.80 -9.95 6.02
CA HIS A 84 9.75 -9.59 4.98
C HIS A 84 9.03 -9.34 3.64
N GLU A 85 8.15 -10.26 3.25
CA GLU A 85 7.41 -10.11 1.99
C GLU A 85 6.49 -8.89 2.03
N LEU A 86 5.84 -8.67 3.17
CA LEU A 86 4.98 -7.49 3.29
C LEU A 86 5.79 -6.22 3.05
N ALA A 87 6.96 -6.13 3.66
CA ALA A 87 7.84 -4.97 3.48
C ALA A 87 8.32 -4.84 2.03
N ASP A 88 8.57 -5.98 1.38
CA ASP A 88 8.90 -6.00 -0.03
C ASP A 88 7.76 -5.43 -0.86
N LEU A 89 6.54 -5.75 -0.47
CA LEU A 89 5.37 -5.21 -1.16
C LEU A 89 5.22 -3.68 -0.93
N LEU A 90 5.44 -3.22 0.30
CA LEU A 90 5.46 -1.78 0.55
C LEU A 90 6.50 -1.14 -0.36
N TYR A 91 7.66 -1.79 -0.48
CA TYR A 91 8.76 -1.22 -1.24
C TYR A 91 8.35 -0.97 -2.69
N VAL A 92 7.73 -1.96 -3.32
CA VAL A 92 7.41 -1.78 -4.74
C VAL A 92 6.14 -0.95 -4.95
N THR A 93 5.34 -0.82 -3.90
CA THR A 93 4.16 0.04 -3.98
C THR A 93 4.58 1.50 -3.82
N TYR A 94 5.40 1.77 -2.81
CA TYR A 94 6.02 3.08 -2.68
C TYR A 94 6.84 3.37 -3.93
N GLY A 95 7.47 2.33 -4.47
CA GLY A 95 8.26 2.47 -5.68
C GLY A 95 7.43 3.03 -6.84
N ALA A 96 6.23 2.50 -7.02
CA ALA A 96 5.31 2.95 -8.05
C ALA A 96 4.99 4.42 -7.89
N LEU A 97 4.62 4.81 -6.69
CA LEU A 97 4.24 6.19 -6.41
C LEU A 97 5.42 7.13 -6.67
N ASP A 98 6.61 6.70 -6.27
CA ASP A 98 7.77 7.53 -6.50
C ASP A 98 8.06 7.67 -7.98
N GLN A 99 7.95 6.59 -8.70
CA GLN A 99 8.11 6.58 -10.13
C GLN A 99 7.15 7.54 -10.82
N LEU A 100 5.95 7.64 -10.27
CA LEU A 100 4.95 8.53 -10.81
C LEU A 100 5.17 9.97 -10.43
N GLY A 101 6.15 10.22 -9.60
CA GLY A 101 6.42 11.55 -9.09
C GLY A 101 5.29 12.06 -8.21
N ILE A 102 4.60 11.13 -7.54
CA ILE A 102 3.51 11.48 -6.62
C ILE A 102 3.96 11.29 -5.17
N ASP A 103 3.84 12.36 -4.38
CA ASP A 103 4.16 12.32 -2.96
C ASP A 103 3.24 11.30 -2.27
N ALA A 104 3.78 10.13 -1.95
CA ALA A 104 2.95 9.05 -1.37
C ALA A 104 2.33 9.44 -0.04
N ASP A 105 3.05 10.23 0.76
CA ASP A 105 2.57 10.59 2.09
C ASP A 105 1.34 11.50 2.01
N ALA A 106 1.35 12.42 1.05
CA ALA A 106 0.21 13.32 0.87
C ALA A 106 -1.04 12.52 0.48
N VAL A 107 -0.87 11.58 -0.45
CA VAL A 107 -2.00 10.79 -0.88
C VAL A 107 -2.45 9.87 0.26
N PHE A 108 -1.48 9.27 0.95
CA PHE A 108 -1.80 8.37 2.06
C PHE A 108 -2.56 9.08 3.16
N ALA A 109 -2.15 10.31 3.48
CA ALA A 109 -2.81 11.09 4.53
C ALA A 109 -4.30 11.29 4.23
N GLU A 110 -4.62 11.50 2.95
CA GLU A 110 -6.01 11.78 2.56
C GLU A 110 -6.83 10.48 2.60
N VAL A 111 -6.20 9.38 2.20
CA VAL A 111 -6.85 8.07 2.27
C VAL A 111 -7.08 7.71 3.71
N HIS A 112 -6.09 8.00 4.55
CA HIS A 112 -6.19 7.71 5.98
C HIS A 112 -7.30 8.55 6.63
N ARG A 113 -7.38 9.82 6.23
CA ARG A 113 -8.43 10.70 6.78
C ARG A 113 -9.80 10.07 6.56
N ALA A 114 -10.04 9.67 5.32
CA ALA A 114 -11.34 9.11 4.94
C ALA A 114 -11.63 7.77 5.65
N ASN A 115 -10.63 6.89 5.72
CA ASN A 115 -10.78 5.61 6.40
C ASN A 115 -11.02 5.74 7.89
N LEU A 116 -10.23 6.59 8.54
CA LEU A 116 -10.40 6.83 9.97
C LEU A 116 -11.80 7.40 10.24
N SER A 117 -12.22 8.32 9.39
CA SER A 117 -13.54 8.92 9.54
C SER A 117 -14.62 7.87 9.39
N LYS A 118 -14.50 7.03 8.37
CA LYS A 118 -15.52 5.99 8.15
C LYS A 118 -15.61 5.07 9.36
N ALA A 119 -14.46 4.80 9.99
CA ALA A 119 -14.39 3.96 11.17
C ALA A 119 -15.24 4.52 12.32
N SER A 120 -15.50 5.83 12.30
CA SER A 120 -16.24 6.48 13.39
C SER A 120 -17.75 6.38 13.20
N GLY A 121 -18.19 5.78 12.10
CA GLY A 121 -19.63 5.61 11.89
C GLY A 121 -20.21 4.50 12.76
N PRO A 122 -21.55 4.41 12.79
CA PRO A 122 -22.18 3.29 13.51
C PRO A 122 -22.02 2.01 12.71
N ARG A 123 -22.27 0.87 13.34
CA ARG A 123 -22.34 -0.39 12.61
C ARG A 123 -23.78 -0.85 12.46
N ARG A 124 -24.07 -1.57 11.37
CA ARG A 124 -25.36 -2.20 11.19
C ARG A 124 -25.54 -3.24 12.28
N ALA A 125 -26.78 -3.70 12.47
CA ALA A 125 -27.05 -4.76 13.43
C ALA A 125 -26.16 -5.98 13.17
N ASP A 126 -25.87 -6.25 11.90
CA ASP A 126 -25.08 -7.41 11.52
C ASP A 126 -23.57 -7.15 11.59
N GLY A 127 -23.19 -5.95 12.01
CA GLY A 127 -21.79 -5.62 12.19
C GLY A 127 -21.10 -4.88 11.06
N LYS A 128 -21.81 -4.64 9.95
CA LYS A 128 -21.19 -3.92 8.84
C LYS A 128 -20.92 -2.47 9.22
N GLN A 129 -19.72 -1.99 8.92
CA GLN A 129 -19.37 -0.59 9.16
C GLN A 129 -20.15 0.34 8.24
N LEU A 130 -20.84 1.32 8.84
CA LEU A 130 -21.54 2.34 8.08
C LEU A 130 -20.75 3.64 8.14
N LYS A 131 -20.91 4.48 7.13
CA LYS A 131 -20.32 5.82 7.17
C LYS A 131 -21.06 6.71 8.18
N PRO A 132 -20.31 7.60 8.84
CA PRO A 132 -20.90 8.61 9.75
C PRO A 132 -21.59 9.70 8.94
N GLU A 133 -22.38 10.54 9.61
CA GLU A 133 -22.99 11.69 8.93
C GLU A 133 -21.94 12.58 8.29
N GLY A 134 -22.21 13.00 7.07
CA GLY A 134 -21.38 13.98 6.40
C GLY A 134 -20.01 13.44 6.02
N TRP A 135 -19.87 12.12 5.97
CA TRP A 135 -18.61 11.49 5.60
C TRP A 135 -18.13 12.01 4.26
N ARG A 136 -16.84 12.34 4.20
CA ARG A 136 -16.26 12.91 3.00
C ARG A 136 -15.22 11.92 2.45
N PRO A 137 -15.45 11.41 1.23
CA PRO A 137 -14.56 10.43 0.61
C PRO A 137 -13.16 11.00 0.33
N ALA A 138 -12.17 10.12 0.17
CA ALA A 138 -10.83 10.56 -0.14
C ALA A 138 -10.84 11.32 -1.47
N ASP A 139 -10.31 12.53 -1.46
CA ASP A 139 -10.21 13.33 -2.68
C ASP A 139 -8.76 13.29 -3.18
N VAL A 140 -8.37 12.15 -3.74
CA VAL A 140 -6.99 11.96 -4.16
C VAL A 140 -6.68 12.84 -5.38
N ARG A 141 -7.67 13.02 -6.25
CA ARG A 141 -7.46 13.92 -7.38
C ARG A 141 -7.04 15.32 -6.90
N GLY A 142 -7.72 15.83 -5.87
CA GLY A 142 -7.41 17.13 -5.31
C GLY A 142 -5.97 17.20 -4.80
N VAL A 143 -5.51 16.10 -4.20
CA VAL A 143 -4.14 16.04 -3.73
C VAL A 143 -3.17 16.11 -4.90
N ILE A 144 -3.43 15.28 -5.91
CA ILE A 144 -2.60 15.26 -7.12
C ILE A 144 -2.53 16.63 -7.78
N GLU A 145 -3.68 17.29 -7.92
CA GLU A 145 -3.69 18.61 -8.54
C GLU A 145 -2.86 19.60 -7.73
N ARG A 146 -2.97 19.53 -6.43
CA ARG A 146 -2.20 20.33 -5.52
C ARG A 146 -0.68 20.12 -5.67
N LEU A 147 -0.28 18.86 -5.69
CA LEU A 147 1.13 18.50 -5.90
C LEU A 147 1.65 18.97 -7.26
N GLN A 148 0.80 18.89 -8.28
CA GLN A 148 1.19 19.32 -9.62
C GLN A 148 1.38 20.84 -9.66
N HIS A 149 0.50 21.56 -8.98
CA HIS A 149 0.55 23.01 -8.96
C HIS A 149 1.11 23.53 -7.64
#